data_3NXT
#
_entry.id   3NXT
#
_cell.length_a   84.417
_cell.length_b   84.417
_cell.length_c   77.552
_cell.angle_alpha   90.00
_cell.angle_beta   90.00
_cell.angle_gamma   120.00
#
_symmetry.space_group_name_H-M   'H 3'
#
loop_
_entity.id
_entity.type
_entity.pdbx_description
1 polymer 'Dihydrofolate reductase'
2 non-polymer 'NADPH DIHYDRO-NICOTINAMIDE-ADENINE-DINUCLEOTIDE PHOSPHATE'
3 non-polymer 5-[(E)-2-cyclopropyl-2-(2-methoxyphenyl)ethenyl]furo[2,3-d]pyrimidine-2,4-diamine
4 non-polymer 'SULFATE ION'
5 water water
#
_entity_poly.entity_id   1
_entity_poly.type   'polypeptide(L)'
_entity_poly.pdbx_seq_one_letter_code
;VGSLNCIVAVSQNMGIGKNGDLPWPPLRNEFRYFQRMTTTSSVEGKQNLVIMGKKTWFSIPEKNRPLKGRINLVLSRELK
EPPQGAHFLSRSLDDALKLTEQPELANKVDMVWIVGGSSVYKEAMNHPGHLKLFVTRIMQDFESDTFFPEIDLEKYKLLP
EYPGVLSDVQEEKGIKYKFEVYEKND
;
_entity_poly.pdbx_strand_id   A
#
# COMPACT_ATOMS: atom_id res chain seq x y z
N VAL A 1 -4.42 -14.45 -10.40
CA VAL A 1 -4.27 -13.16 -9.66
C VAL A 1 -3.58 -12.16 -10.62
N GLY A 2 -3.86 -10.87 -10.44
CA GLY A 2 -3.31 -9.81 -11.29
C GLY A 2 -2.03 -9.22 -10.69
N SER A 3 -1.85 -7.92 -10.90
CA SER A 3 -0.54 -7.32 -10.56
C SER A 3 -0.26 -7.20 -9.06
N LEU A 4 1.02 -7.03 -8.73
CA LEU A 4 1.45 -6.77 -7.33
C LEU A 4 1.90 -5.31 -7.26
N ASN A 5 1.49 -4.58 -6.23
CA ASN A 5 1.74 -3.12 -6.16
C ASN A 5 1.96 -2.75 -4.73
N CYS A 6 2.74 -1.69 -4.52
CA CYS A 6 2.77 -1.06 -3.19
C CYS A 6 2.19 0.35 -3.37
N ILE A 7 1.53 0.86 -2.35
CA ILE A 7 1.06 2.24 -2.37
C ILE A 7 1.45 2.87 -1.03
N VAL A 8 1.93 4.13 -1.12
CA VAL A 8 2.39 4.86 0.10
C VAL A 8 2.29 6.35 -0.16
N ALA A 9 2.17 7.14 0.92
CA ALA A 9 2.43 8.60 0.86
C ALA A 9 3.64 8.82 1.80
N VAL A 10 4.60 9.65 1.32
CA VAL A 10 5.86 9.72 2.03
C VAL A 10 6.35 11.17 2.01
N SER A 11 6.88 11.63 3.12
CA SER A 11 7.39 13.01 3.16
C SER A 11 8.77 13.09 2.55
N GLN A 12 9.30 14.33 2.53
CA GLN A 12 10.57 14.56 1.88
C GLN A 12 11.71 13.82 2.60
N ASN A 13 11.61 13.70 3.94
CA ASN A 13 12.58 13.00 4.75
C ASN A 13 12.22 11.51 4.91
N MET A 14 11.35 11.07 3.98
CA MET A 14 11.07 9.59 3.75
C MET A 14 10.11 9.09 4.85
N GLY A 15 9.49 9.98 5.58
CA GLY A 15 8.62 9.56 6.71
C GLY A 15 7.27 9.03 6.21
N ILE A 16 6.78 8.00 6.88
CA ILE A 16 5.43 7.43 6.56
C ILE A 16 4.51 7.34 7.77
N GLY A 17 5.01 7.59 8.95
CA GLY A 17 4.18 7.46 10.17
C GLY A 17 4.85 8.13 11.34
N LYS A 18 4.06 8.44 12.35
CA LYS A 18 4.64 8.94 13.60
C LYS A 18 3.61 8.47 14.64
N ASN A 19 4.03 7.65 15.62
CA ASN A 19 3.17 7.33 16.77
C ASN A 19 1.90 6.66 16.26
N GLY A 20 2.01 5.81 15.21
CA GLY A 20 0.85 5.11 14.61
C GLY A 20 -0.18 5.94 13.90
N ASP A 21 0.18 7.13 13.45
CA ASP A 21 -0.73 7.94 12.66
C ASP A 21 0.14 8.60 11.55
N LEU A 22 -0.53 9.53 10.87
N LEU A 22 -0.46 9.18 10.53
CA LEU A 22 0.06 10.35 9.81
CA LEU A 22 0.41 9.78 9.53
C LEU A 22 1.06 11.33 10.36
C LEU A 22 1.04 11.05 10.17
N PRO A 23 2.22 11.44 9.69
CA PRO A 23 3.10 12.59 10.21
C PRO A 23 2.49 13.99 9.95
N TRP A 24 1.61 14.05 8.96
CA TRP A 24 0.98 15.27 8.43
C TRP A 24 -0.49 15.24 8.79
N PRO A 25 -1.12 16.40 8.77
CA PRO A 25 -2.58 16.50 8.90
C PRO A 25 -3.28 15.72 7.80
N PRO A 26 -4.48 15.27 8.05
CA PRO A 26 -5.23 14.52 7.04
C PRO A 26 -5.36 15.26 5.74
N LEU A 27 -5.10 14.53 4.63
CA LEU A 27 -5.23 15.08 3.29
C LEU A 27 -6.36 14.33 2.61
N ARG A 28 -7.55 14.92 2.65
CA ARG A 28 -8.79 14.20 2.22
C ARG A 28 -8.77 13.64 0.80
N ASN A 29 -8.35 14.45 -0.13
CA ASN A 29 -8.28 13.97 -1.51
C ASN A 29 -7.15 12.98 -1.77
N GLU A 30 -6.07 13.09 -1.03
CA GLU A 30 -4.97 12.08 -1.10
C GLU A 30 -5.48 10.75 -0.60
N PHE A 31 -6.29 10.82 0.46
CA PHE A 31 -6.85 9.60 0.98
C PHE A 31 -7.85 8.99 -0.05
N ARG A 32 -8.67 9.87 -0.68
CA ARG A 32 -9.59 9.43 -1.73
C ARG A 32 -8.83 8.70 -2.84
N TYR A 33 -7.65 9.21 -3.20
CA TYR A 33 -6.82 8.61 -4.24
C TYR A 33 -6.40 7.22 -3.76
N PHE A 34 -5.89 7.12 -2.52
CA PHE A 34 -5.58 5.78 -1.97
C PHE A 34 -6.78 4.77 -2.06
N GLN A 35 -7.93 5.27 -1.67
CA GLN A 35 -9.15 4.41 -1.70
C GLN A 35 -9.47 3.95 -3.14
N ARG A 36 -9.43 4.91 -4.07
CA ARG A 36 -9.71 4.63 -5.48
C ARG A 36 -8.73 3.65 -6.06
N MET A 37 -7.41 3.88 -5.82
CA MET A 37 -6.39 3.03 -6.45
C MET A 37 -6.46 1.59 -5.94
N THR A 38 -6.67 1.44 -4.62
CA THR A 38 -6.65 0.10 -4.01
C THR A 38 -7.98 -0.64 -4.23
N THR A 39 -9.08 0.10 -4.40
CA THR A 39 -10.41 -0.54 -4.52
C THR A 39 -10.72 -0.91 -5.96
N THR A 40 -10.24 -0.13 -6.91
CA THR A 40 -10.69 -0.33 -8.32
C THR A 40 -10.03 -1.58 -8.99
N SER A 41 -10.90 -2.52 -9.39
CA SER A 41 -10.47 -3.75 -10.02
C SER A 41 -10.91 -3.65 -11.45
N SER A 42 -9.91 -3.86 -12.30
CA SER A 42 -9.99 -4.08 -13.76
C SER A 42 -10.83 -5.36 -14.21
N VAL A 43 -10.99 -6.35 -13.34
CA VAL A 43 -11.55 -7.66 -13.75
C VAL A 43 -12.93 -7.93 -13.16
N GLU A 44 -13.93 -8.17 -14.01
CA GLU A 44 -15.29 -8.38 -13.47
C GLU A 44 -15.36 -9.63 -12.57
N GLY A 45 -16.08 -9.48 -11.45
CA GLY A 45 -16.29 -10.57 -10.50
C GLY A 45 -15.13 -10.79 -9.53
N LYS A 46 -14.20 -9.84 -9.52
CA LYS A 46 -13.08 -9.91 -8.61
C LYS A 46 -12.99 -8.63 -7.76
N GLN A 47 -12.30 -8.78 -6.61
CA GLN A 47 -11.91 -7.64 -5.77
C GLN A 47 -10.37 -7.65 -5.69
N ASN A 48 -9.83 -6.50 -5.31
CA ASN A 48 -8.43 -6.45 -4.98
C ASN A 48 -8.18 -6.91 -3.52
N LEU A 49 -6.96 -7.29 -3.28
CA LEU A 49 -6.54 -7.73 -1.96
C LEU A 49 -5.55 -6.71 -1.44
N VAL A 50 -5.75 -6.28 -0.20
CA VAL A 50 -4.75 -5.43 0.45
C VAL A 50 -4.02 -6.24 1.50
N ILE A 51 -2.72 -6.04 1.54
CA ILE A 51 -1.90 -6.79 2.47
C ILE A 51 -1.22 -5.73 3.32
N MET A 52 -1.25 -5.93 4.62
CA MET A 52 -0.63 -4.94 5.51
C MET A 52 -0.12 -5.61 6.77
N GLY A 53 0.84 -4.96 7.40
CA GLY A 53 1.37 -5.46 8.61
C GLY A 53 0.37 -5.20 9.76
N LYS A 54 0.69 -5.76 10.92
CA LYS A 54 -0.27 -5.66 12.07
C LYS A 54 -0.43 -4.24 12.59
N LYS A 55 0.71 -3.53 12.72
CA LYS A 55 0.65 -2.12 13.19
C LYS A 55 -0.18 -1.28 12.23
N THR A 56 -0.03 -1.53 10.92
CA THR A 56 -0.83 -0.79 9.93
C THR A 56 -2.28 -1.08 10.06
N TRP A 57 -2.65 -2.38 10.22
CA TRP A 57 -4.07 -2.68 10.46
C TRP A 57 -4.69 -1.89 11.64
N PHE A 58 -4.00 -1.90 12.79
CA PHE A 58 -4.49 -1.23 13.97
C PHE A 58 -4.38 0.28 13.94
N SER A 59 -3.66 0.79 12.95
CA SER A 59 -3.69 2.25 12.71
C SER A 59 -4.96 2.70 11.99
N ILE A 60 -5.74 1.76 11.45
CA ILE A 60 -7.02 2.14 10.82
C ILE A 60 -8.00 2.25 11.98
N PRO A 61 -8.72 3.35 12.07
CA PRO A 61 -9.73 3.45 13.16
C PRO A 61 -10.70 2.27 13.15
N GLU A 62 -11.07 1.79 14.33
CA GLU A 62 -11.85 0.54 14.51
C GLU A 62 -13.11 0.51 13.61
N LYS A 63 -13.72 1.70 13.42
CA LYS A 63 -14.87 1.92 12.51
C LYS A 63 -14.55 1.90 11.01
N ASN A 64 -13.28 1.91 10.65
CA ASN A 64 -12.94 1.95 9.25
C ASN A 64 -12.35 0.58 8.82
N ARG A 65 -12.34 -0.37 9.76
CA ARG A 65 -11.79 -1.76 9.62
C ARG A 65 -12.94 -2.74 9.30
N PRO A 66 -12.84 -3.56 8.24
CA PRO A 66 -11.78 -3.57 7.19
C PRO A 66 -11.95 -2.46 6.13
N LEU A 67 -10.89 -2.25 5.33
CA LEU A 67 -10.98 -1.36 4.17
C LEU A 67 -12.03 -1.91 3.19
N LYS A 68 -13.09 -1.15 2.99
CA LYS A 68 -14.31 -1.66 2.38
C LYS A 68 -14.09 -1.99 0.90
N GLY A 69 -14.74 -3.06 0.45
CA GLY A 69 -14.63 -3.42 -1.00
C GLY A 69 -13.34 -4.07 -1.46
N ARG A 70 -12.43 -4.32 -0.55
CA ARG A 70 -11.19 -5.07 -0.71
C ARG A 70 -11.11 -6.18 0.28
N ILE A 71 -10.42 -7.26 -0.12
CA ILE A 71 -10.18 -8.36 0.76
C ILE A 71 -8.99 -7.92 1.62
N ASN A 72 -9.15 -8.03 2.93
CA ASN A 72 -8.07 -7.51 3.85
C ASN A 72 -7.27 -8.60 4.51
N LEU A 73 -5.99 -8.65 4.21
CA LEU A 73 -5.08 -9.63 4.80
C LEU A 73 -4.01 -8.95 5.67
N VAL A 74 -3.88 -9.46 6.90
CA VAL A 74 -2.87 -8.92 7.84
C VAL A 74 -1.71 -9.88 7.99
N LEU A 75 -0.52 -9.33 8.10
CA LEU A 75 0.69 -10.12 8.26
C LEU A 75 1.05 -10.05 9.72
N SER A 76 1.18 -11.22 10.35
CA SER A 76 1.69 -11.29 11.74
C SER A 76 2.11 -12.72 12.04
N ARG A 77 3.16 -12.83 12.84
CA ARG A 77 3.58 -14.13 13.42
C ARG A 77 3.07 -14.28 14.82
N GLU A 78 2.63 -13.19 15.45
CA GLU A 78 2.10 -13.30 16.84
C GLU A 78 0.66 -13.69 16.88
N LEU A 79 -0.12 -13.10 15.99
CA LEU A 79 -1.56 -13.33 16.02
C LEU A 79 -1.88 -14.78 15.60
N LYS A 80 -2.95 -15.32 16.16
CA LYS A 80 -3.25 -16.75 15.89
C LYS A 80 -4.44 -16.84 14.92
N GLU A 81 -5.12 -15.71 14.72
CA GLU A 81 -6.23 -15.67 13.77
C GLU A 81 -6.36 -14.21 13.29
N PRO A 82 -7.12 -13.98 12.20
CA PRO A 82 -7.26 -12.59 11.76
C PRO A 82 -7.90 -11.75 12.83
N PRO A 83 -7.43 -10.51 12.95
CA PRO A 83 -8.06 -9.62 13.90
C PRO A 83 -9.48 -9.33 13.58
N GLN A 84 -10.22 -8.82 14.58
CA GLN A 84 -11.58 -8.46 14.39
C GLN A 84 -11.79 -7.57 13.16
N GLY A 85 -12.62 -8.02 12.21
CA GLY A 85 -12.83 -7.25 10.99
C GLY A 85 -11.94 -7.65 9.81
N ALA A 86 -10.81 -8.30 10.06
CA ALA A 86 -9.91 -8.69 8.94
C ALA A 86 -10.42 -10.01 8.31
N HIS A 87 -9.97 -10.27 7.11
CA HIS A 87 -10.40 -11.51 6.44
C HIS A 87 -9.39 -12.66 6.46
N PHE A 88 -8.11 -12.34 6.35
CA PHE A 88 -7.06 -13.34 6.30
C PHE A 88 -5.88 -12.92 7.14
N LEU A 89 -5.08 -13.91 7.53
CA LEU A 89 -3.85 -13.75 8.32
C LEU A 89 -2.79 -14.62 7.67
N SER A 90 -1.60 -14.06 7.45
CA SER A 90 -0.47 -14.85 6.96
C SER A 90 0.75 -14.47 7.78
N ARG A 91 1.72 -15.37 7.87
CA ARG A 91 2.94 -15.17 8.72
C ARG A 91 4.10 -14.53 8.01
N SER A 92 3.90 -14.22 6.72
CA SER A 92 4.97 -13.74 5.83
C SER A 92 4.32 -13.29 4.54
N LEU A 93 5.03 -12.38 3.88
CA LEU A 93 4.61 -11.95 2.56
C LEU A 93 4.57 -13.10 1.55
N ASP A 94 5.61 -13.93 1.54
CA ASP A 94 5.65 -15.10 0.64
C ASP A 94 4.43 -15.98 0.84
N ASP A 95 4.07 -16.23 2.11
CA ASP A 95 2.90 -17.02 2.42
C ASP A 95 1.62 -16.35 1.91
N ALA A 96 1.48 -15.03 2.13
CA ALA A 96 0.33 -14.33 1.60
C ALA A 96 0.16 -14.45 0.10
N LEU A 97 1.26 -14.31 -0.65
CA LEU A 97 1.15 -14.41 -2.09
C LEU A 97 0.82 -15.85 -2.51
N LYS A 98 1.39 -16.82 -1.81
CA LYS A 98 1.06 -18.25 -2.03
C LYS A 98 -0.41 -18.49 -1.82
N LEU A 99 -1.00 -17.84 -0.79
CA LEU A 99 -2.41 -18.05 -0.42
C LEU A 99 -3.33 -17.57 -1.54
N THR A 100 -2.88 -16.56 -2.22
CA THR A 100 -3.65 -15.91 -3.24
C THR A 100 -3.88 -16.90 -4.39
N GLU A 101 -3.01 -17.91 -4.49
CA GLU A 101 -3.11 -19.03 -5.46
C GLU A 101 -3.97 -20.21 -4.98
N GLN A 102 -4.31 -20.29 -3.70
CA GLN A 102 -5.21 -21.36 -3.21
C GLN A 102 -6.64 -21.28 -3.80
N PRO A 103 -7.38 -22.41 -3.82
CA PRO A 103 -8.81 -22.44 -4.18
C PRO A 103 -9.70 -21.31 -3.62
N GLU A 104 -9.50 -21.01 -2.34
CA GLU A 104 -10.29 -19.99 -1.65
C GLU A 104 -10.15 -18.56 -2.26
N LEU A 105 -9.02 -18.25 -2.93
CA LEU A 105 -8.76 -16.87 -3.37
C LEU A 105 -8.37 -16.74 -4.82
N ALA A 106 -7.91 -17.84 -5.40
CA ALA A 106 -7.30 -17.83 -6.76
C ALA A 106 -8.17 -17.21 -7.84
N ASN A 107 -9.49 -17.31 -7.66
CA ASN A 107 -10.48 -16.84 -8.61
C ASN A 107 -11.11 -15.51 -8.13
N LYS A 108 -10.82 -15.12 -6.89
CA LYS A 108 -11.53 -13.96 -6.28
C LYS A 108 -10.69 -12.70 -6.33
N VAL A 109 -9.38 -12.86 -6.47
CA VAL A 109 -8.42 -11.71 -6.28
C VAL A 109 -7.95 -11.22 -7.62
N ASP A 110 -8.13 -9.92 -7.90
CA ASP A 110 -7.43 -9.23 -9.04
C ASP A 110 -6.08 -8.63 -8.60
N MET A 111 -6.03 -7.31 -8.31
CA MET A 111 -4.72 -6.74 -7.96
C MET A 111 -4.41 -7.01 -6.49
N VAL A 112 -3.10 -7.10 -6.18
CA VAL A 112 -2.72 -7.09 -4.76
C VAL A 112 -1.96 -5.81 -4.44
N TRP A 113 -2.36 -5.17 -3.33
CA TRP A 113 -1.85 -3.85 -2.88
C TRP A 113 -1.23 -3.98 -1.51
N ILE A 114 0.06 -3.76 -1.42
CA ILE A 114 0.78 -3.71 -0.12
C ILE A 114 0.59 -2.29 0.37
N VAL A 115 0.01 -2.12 1.57
CA VAL A 115 -0.37 -0.76 2.02
C VAL A 115 0.32 -0.42 3.37
N GLY A 116 1.39 -1.17 3.69
CA GLY A 116 2.34 -0.82 4.79
C GLY A 116 2.46 -1.94 5.77
N GLY A 117 3.36 -1.83 6.74
CA GLY A 117 4.22 -0.72 6.90
C GLY A 117 5.62 -0.88 6.39
N SER A 118 6.61 -0.23 7.04
CA SER A 118 8.00 -0.17 6.43
C SER A 118 8.58 -1.56 6.10
N SER A 119 8.43 -2.57 6.99
CA SER A 119 9.08 -3.83 6.69
C SER A 119 8.41 -4.65 5.61
N VAL A 120 7.11 -4.44 5.47
CA VAL A 120 6.35 -5.12 4.42
C VAL A 120 6.69 -4.47 3.06
N TYR A 121 6.72 -3.13 3.05
CA TYR A 121 7.25 -2.46 1.80
C TYR A 121 8.65 -2.91 1.44
N LYS A 122 9.58 -3.04 2.41
CA LYS A 122 10.91 -3.37 2.08
C LYS A 122 10.91 -4.78 1.50
N GLU A 123 10.16 -5.70 2.12
CA GLU A 123 10.22 -7.05 1.54
C GLU A 123 9.62 -7.14 0.15
N ALA A 124 8.55 -6.43 -0.07
CA ALA A 124 7.87 -6.42 -1.37
C ALA A 124 8.84 -5.80 -2.42
N MET A 125 9.51 -4.72 -2.04
CA MET A 125 10.35 -3.95 -3.00
C MET A 125 11.57 -4.70 -3.50
N ASN A 126 11.98 -5.68 -2.70
N ASN A 126 12.04 -5.69 -2.73
CA ASN A 126 13.14 -6.52 -2.93
CA ASN A 126 13.15 -6.52 -3.17
C ASN A 126 12.73 -7.93 -3.48
C ASN A 126 12.73 -7.94 -3.56
N HIS A 127 11.42 -8.18 -3.64
CA HIS A 127 10.81 -9.50 -4.12
C HIS A 127 11.04 -9.52 -5.67
N PRO A 128 11.77 -10.53 -6.21
CA PRO A 128 11.89 -10.51 -7.69
C PRO A 128 10.57 -10.53 -8.40
N GLY A 129 10.58 -9.98 -9.60
CA GLY A 129 9.46 -10.01 -10.51
C GLY A 129 8.91 -8.64 -10.81
N HIS A 130 7.69 -8.59 -11.30
CA HIS A 130 7.09 -7.34 -11.83
C HIS A 130 6.35 -6.73 -10.69
N LEU A 131 6.64 -5.44 -10.40
CA LEU A 131 6.03 -4.78 -9.22
C LEU A 131 5.98 -3.30 -9.50
N LYS A 132 4.89 -2.66 -9.10
CA LYS A 132 4.82 -1.17 -9.23
C LYS A 132 4.70 -0.58 -7.87
N LEU A 133 5.24 0.62 -7.72
CA LEU A 133 5.08 1.44 -6.52
C LEU A 133 4.30 2.64 -6.90
N PHE A 134 3.21 2.89 -6.17
CA PHE A 134 2.44 4.13 -6.35
C PHE A 134 2.79 5.00 -5.16
N VAL A 135 3.56 6.06 -5.43
CA VAL A 135 4.17 6.80 -4.32
C VAL A 135 3.67 8.26 -4.41
N THR A 136 3.10 8.76 -3.29
CA THR A 136 2.67 10.17 -3.23
C THR A 136 3.79 10.89 -2.51
N ARG A 137 4.40 11.85 -3.20
CA ARG A 137 5.52 12.61 -2.58
C ARG A 137 4.91 13.79 -1.90
N ILE A 138 4.95 13.80 -0.57
CA ILE A 138 4.50 14.96 0.20
C ILE A 138 5.74 15.82 0.36
N MET A 139 5.68 17.03 -0.21
CA MET A 139 6.92 17.76 -0.50
C MET A 139 7.27 18.73 0.65
N GLN A 140 7.24 18.21 1.87
CA GLN A 140 7.70 19.00 3.03
C GLN A 140 8.35 17.95 3.94
N ASP A 141 9.19 18.37 4.88
CA ASP A 141 9.67 17.45 5.92
C ASP A 141 8.64 17.31 7.00
N PHE A 142 8.41 16.10 7.53
CA PHE A 142 7.55 16.00 8.71
C PHE A 142 8.20 15.01 9.70
N GLU A 143 8.17 15.37 10.98
CA GLU A 143 8.75 14.50 12.04
C GLU A 143 8.04 13.14 11.96
N SER A 144 8.88 12.11 11.93
CA SER A 144 8.36 10.75 11.68
C SER A 144 9.10 9.79 12.56
N ASP A 145 8.52 8.60 12.78
CA ASP A 145 9.28 7.59 13.46
C ASP A 145 9.25 6.29 12.68
N THR A 146 8.71 6.32 11.47
CA THR A 146 8.71 5.10 10.63
C THR A 146 8.90 5.64 9.18
N PHE A 147 9.71 4.94 8.36
CA PHE A 147 10.22 5.51 7.11
C PHE A 147 10.04 4.52 5.96
N PHE A 148 9.87 5.07 4.77
CA PHE A 148 9.78 4.26 3.57
C PHE A 148 11.19 3.77 3.18
N PRO A 149 11.33 2.51 2.75
CA PRO A 149 12.63 2.00 2.32
C PRO A 149 13.13 2.70 1.09
N GLU A 150 14.47 2.65 0.93
CA GLU A 150 15.09 3.15 -0.27
C GLU A 150 14.53 2.56 -1.55
N ILE A 151 14.18 3.43 -2.50
CA ILE A 151 13.75 3.00 -3.84
C ILE A 151 15.01 2.99 -4.73
N ASP A 152 15.38 1.83 -5.20
CA ASP A 152 16.57 1.69 -6.05
C ASP A 152 16.19 2.00 -7.48
N LEU A 153 16.61 3.17 -7.97
CA LEU A 153 16.18 3.64 -9.23
C LEU A 153 16.92 2.96 -10.37
N GLU A 154 17.92 2.16 -10.01
CA GLU A 154 18.53 1.30 -11.08
C GLU A 154 17.46 0.26 -11.55
N LYS A 155 16.54 -0.15 -10.64
CA LYS A 155 15.56 -1.13 -11.00
C LYS A 155 14.17 -0.54 -11.20
N TYR A 156 13.83 0.40 -10.34
CA TYR A 156 12.48 1.04 -10.43
C TYR A 156 12.49 2.25 -11.36
N LYS A 157 11.77 2.14 -12.46
CA LYS A 157 11.67 3.22 -13.43
C LYS A 157 10.47 4.11 -13.08
N LEU A 158 10.69 5.41 -12.90
CA LEU A 158 9.58 6.36 -12.72
C LEU A 158 8.86 6.51 -14.08
N LEU A 159 7.56 6.25 -14.11
CA LEU A 159 6.80 6.25 -15.40
C LEU A 159 6.42 7.68 -15.72
N PRO A 160 6.39 7.98 -17.03
CA PRO A 160 6.19 9.38 -17.44
C PRO A 160 4.72 9.81 -17.46
N GLU A 161 3.81 8.86 -17.25
CA GLU A 161 2.38 9.09 -17.19
C GLU A 161 1.77 7.75 -16.74
N TYR A 162 0.59 7.81 -16.18
CA TYR A 162 -0.11 6.57 -15.85
C TYR A 162 -1.61 6.92 -15.86
N PRO A 163 -2.46 6.10 -16.54
CA PRO A 163 -3.92 6.36 -16.54
C PRO A 163 -4.52 6.44 -15.17
N GLY A 164 -5.25 7.53 -14.92
CA GLY A 164 -5.95 7.59 -13.63
C GLY A 164 -5.11 8.24 -12.54
N VAL A 165 -3.91 8.66 -12.91
CA VAL A 165 -3.04 9.33 -11.94
C VAL A 165 -2.78 10.74 -12.41
N LEU A 166 -3.20 11.72 -11.61
CA LEU A 166 -2.92 13.09 -11.99
C LEU A 166 -1.42 13.40 -11.97
N SER A 167 -0.93 14.19 -12.93
CA SER A 167 0.52 14.41 -13.01
C SER A 167 1.00 15.74 -12.41
N ASP A 168 0.08 16.68 -12.14
CA ASP A 168 0.50 18.01 -11.67
C ASP A 168 0.58 18.03 -10.11
N VAL A 169 1.01 19.13 -9.61
CA VAL A 169 1.14 19.25 -8.16
C VAL A 169 -0.24 19.49 -7.51
N GLN A 170 -0.46 18.79 -6.40
CA GLN A 170 -1.71 18.88 -5.60
C GLN A 170 -1.40 19.67 -4.38
N GLU A 171 -2.44 20.23 -3.77
CA GLU A 171 -2.24 20.91 -2.51
C GLU A 171 -3.49 20.83 -1.64
N GLU A 172 -3.27 20.41 -0.40
CA GLU A 172 -4.38 20.40 0.60
C GLU A 172 -3.77 20.83 1.93
N LYS A 173 -4.52 21.65 2.69
CA LYS A 173 -4.07 22.14 4.00
C LYS A 173 -2.72 22.82 3.93
N GLY A 174 -2.50 23.51 2.83
CA GLY A 174 -1.23 24.22 2.59
C GLY A 174 -0.02 23.30 2.28
N ILE A 175 -0.29 22.00 2.05
CA ILE A 175 0.81 21.02 1.86
C ILE A 175 0.74 20.53 0.39
N LYS A 176 1.80 20.83 -0.35
CA LYS A 176 1.90 20.39 -1.75
C LYS A 176 2.36 18.93 -1.84
N TYR A 177 1.77 18.22 -2.78
CA TYR A 177 2.26 16.84 -2.94
C TYR A 177 2.07 16.46 -4.42
N LYS A 178 2.61 15.31 -4.83
CA LYS A 178 2.46 14.88 -6.19
C LYS A 178 2.49 13.38 -6.27
N PHE A 179 1.81 12.83 -7.27
CA PHE A 179 1.69 11.36 -7.42
C PHE A 179 2.72 10.83 -8.43
N GLU A 180 3.26 9.67 -8.18
CA GLU A 180 4.31 9.07 -9.02
C GLU A 180 3.99 7.58 -9.11
N VAL A 181 4.40 6.98 -10.24
CA VAL A 181 4.28 5.53 -10.33
C VAL A 181 5.66 5.00 -10.79
N TYR A 182 6.15 3.97 -10.09
CA TYR A 182 7.43 3.38 -10.43
C TYR A 182 7.15 1.91 -10.82
N GLU A 183 7.96 1.41 -11.76
CA GLU A 183 7.76 0.01 -12.19
C GLU A 183 9.11 -0.71 -12.26
N LYS A 184 9.19 -1.88 -11.67
CA LYS A 184 10.37 -2.71 -11.98
C LYS A 184 9.95 -4.02 -12.57
N ASN A 185 10.90 -4.72 -13.20
CA ASN A 185 10.59 -6.12 -13.56
C ASN A 185 11.88 -6.86 -13.58
N ASP A 186 12.11 -7.68 -12.56
CA ASP A 186 13.42 -8.38 -12.47
C ASP A 186 13.25 -9.79 -11.92
#